data_1UIY
#
_entry.id   1UIY
#
_cell.length_a   131.233
_cell.length_b   131.233
_cell.length_c   110.608
_cell.angle_alpha   90.00
_cell.angle_beta   90.00
_cell.angle_gamma   120.00
#
_symmetry.space_group_name_H-M   'H 3 2'
#
loop_
_entity.id
_entity.type
_entity.pdbx_description
1 polymer 'Enoyl-CoA Hydratase'
2 non-polymer '1,4-DIETHYLENE DIOXIDE'
3 non-polymer GLYCEROL
4 water water
#
_entity_poly.entity_id   1
_entity_poly.type   'polypeptide(L)'
_entity_poly.pdbx_seq_one_letter_code
;(MSE)VQVEKGHVAVVFLNDPERRNPLSPE(MSE)ALSLLQALDDLEADPGVRAVVLTGRGKAFSAGADLAFLERVTELG
AEENYRHSLSL(MSE)RLFHRVYTYPKPTVAAVNGPAVAGGAGLALACDLVV(MSE)DEEARLGYTEVKIGFVAALVSVI
LVRAVGEKAAKDLLLTGRLVEAREAKALGLVNRIAPPGKALEEAKALAEEVAKNAPTSLRLTKELLLALPG(MSE)GLED
GFRLAALANAWVRETGDLAEGIRAFFEKRPPRF
;
_entity_poly.pdbx_strand_id   A
#
loop_
_chem_comp.id
_chem_comp.type
_chem_comp.name
_chem_comp.formula
DIO non-polymer '1,4-DIETHYLENE DIOXIDE' 'C4 H8 O2'
GOL non-polymer GLYCEROL 'C3 H8 O3'
#
# COMPACT_ATOMS: atom_id res chain seq x y z
N MSE A 1 4.25 -17.37 1.55
CA MSE A 1 3.29 -17.58 2.67
C MSE A 1 2.18 -16.54 2.69
O MSE A 1 2.07 -15.72 3.61
CB MSE A 1 4.05 -17.58 4.02
CG MSE A 1 5.34 -16.77 4.07
SE MSE A 1 6.84 -17.57 3.09
CE MSE A 1 6.84 -19.32 3.90
N VAL A 2 1.34 -16.58 1.66
CA VAL A 2 0.21 -15.69 1.53
C VAL A 2 -0.93 -16.42 0.83
N GLN A 3 -2.16 -16.08 1.19
CA GLN A 3 -3.34 -16.69 0.61
C GLN A 3 -4.03 -15.66 -0.28
N VAL A 4 -4.47 -16.08 -1.46
CA VAL A 4 -5.10 -15.17 -2.39
C VAL A 4 -6.50 -15.57 -2.84
N GLU A 5 -7.48 -14.72 -2.54
CA GLU A 5 -8.86 -14.98 -2.94
C GLU A 5 -9.16 -14.13 -4.16
N LYS A 6 -8.98 -14.71 -5.34
CA LYS A 6 -9.22 -13.98 -6.58
C LYS A 6 -10.64 -13.43 -6.64
N GLY A 7 -10.83 -12.40 -7.45
CA GLY A 7 -12.13 -11.77 -7.60
C GLY A 7 -11.92 -10.36 -8.14
N HIS A 8 -13.00 -9.70 -8.56
CA HIS A 8 -12.86 -8.34 -9.06
C HIS A 8 -12.01 -7.56 -8.07
N VAL A 9 -12.28 -7.78 -6.79
CA VAL A 9 -11.53 -7.17 -5.71
C VAL A 9 -10.82 -8.34 -5.06
N ALA A 10 -9.58 -8.58 -5.46
CA ALA A 10 -8.80 -9.69 -4.90
C ALA A 10 -8.37 -9.36 -3.47
N VAL A 11 -8.11 -10.40 -2.68
CA VAL A 11 -7.66 -10.21 -1.31
C VAL A 11 -6.45 -11.08 -1.01
N VAL A 12 -5.38 -10.47 -0.51
CA VAL A 12 -4.17 -11.21 -0.17
C VAL A 12 -3.96 -11.19 1.34
N PHE A 13 -3.78 -12.38 1.91
CA PHE A 13 -3.57 -12.51 3.34
C PHE A 13 -2.14 -12.91 3.66
N LEU A 14 -1.53 -12.18 4.59
CA LEU A 14 -0.18 -12.50 5.03
C LEU A 14 -0.35 -13.70 5.95
N ASN A 15 0.09 -14.87 5.48
CA ASN A 15 -0.10 -16.09 6.25
C ASN A 15 1.08 -16.54 7.13
N ASP A 16 1.09 -16.06 8.37
CA ASP A 16 2.12 -16.40 9.33
C ASP A 16 1.62 -15.91 10.69
N PRO A 17 0.32 -16.08 10.95
CA PRO A 17 -0.35 -15.66 12.19
C PRO A 17 0.47 -15.60 13.47
N GLU A 18 0.86 -16.76 13.99
CA GLU A 18 1.59 -16.79 15.25
C GLU A 18 2.91 -16.04 15.26
N ARG A 19 3.61 -16.00 14.14
CA ARG A 19 4.87 -15.27 14.08
C ARG A 19 4.51 -13.78 13.98
N ARG A 20 3.26 -13.54 13.61
CA ARG A 20 2.66 -12.20 13.45
C ARG A 20 2.91 -11.51 12.11
N ASN A 21 3.09 -12.32 11.07
CA ASN A 21 3.31 -11.83 9.71
C ASN A 21 4.54 -10.94 9.51
N PRO A 22 5.74 -11.47 9.78
CA PRO A 22 6.99 -10.70 9.61
C PRO A 22 7.32 -10.54 8.13
N LEU A 23 7.85 -9.38 7.75
CA LEU A 23 8.21 -9.15 6.36
C LEU A 23 9.54 -9.79 6.03
N SER A 24 9.67 -11.06 6.38
CA SER A 24 10.89 -11.81 6.13
C SER A 24 11.10 -11.89 4.62
N PRO A 25 12.34 -12.12 4.18
CA PRO A 25 12.66 -12.23 2.76
C PRO A 25 11.68 -13.15 2.05
N GLU A 26 11.38 -14.28 2.68
CA GLU A 26 10.47 -15.28 2.12
C GLU A 26 9.09 -14.68 1.92
N MSE A 27 8.60 -14.03 2.97
CA MSE A 27 7.29 -13.40 2.96
C MSE A 27 7.23 -12.32 1.87
O MSE A 27 6.24 -12.21 1.14
CB MSE A 27 7.00 -12.80 4.32
CG MSE A 27 5.77 -11.91 4.38
SE MSE A 27 4.10 -12.83 4.15
CE MSE A 27 3.39 -12.56 5.92
N ALA A 28 8.29 -11.53 1.77
CA ALA A 28 8.37 -10.46 0.79
C ALA A 28 8.21 -11.04 -0.61
N LEU A 29 8.90 -12.16 -0.84
CA LEU A 29 8.87 -12.81 -2.13
C LEU A 29 7.51 -13.38 -2.48
N SER A 30 6.89 -14.04 -1.52
CA SER A 30 5.58 -14.63 -1.77
C SER A 30 4.59 -13.54 -2.13
N LEU A 31 4.71 -12.40 -1.46
CA LEU A 31 3.81 -11.27 -1.71
C LEU A 31 3.98 -10.75 -3.14
N LEU A 32 5.20 -10.77 -3.64
CA LEU A 32 5.45 -10.31 -4.99
C LEU A 32 4.78 -11.24 -5.99
N GLN A 33 5.08 -12.53 -5.88
CA GLN A 33 4.52 -13.53 -6.77
C GLN A 33 3.02 -13.32 -6.91
N ALA A 34 2.36 -13.00 -5.81
CA ALA A 34 0.92 -12.77 -5.85
C ALA A 34 0.59 -11.56 -6.72
N LEU A 35 1.18 -10.42 -6.37
CA LEU A 35 0.97 -9.17 -7.10
C LEU A 35 1.14 -9.37 -8.60
N ASP A 36 2.06 -10.24 -8.98
CA ASP A 36 2.29 -10.50 -10.39
C ASP A 36 1.08 -11.20 -10.99
N ASP A 37 0.73 -12.35 -10.43
CA ASP A 37 -0.42 -13.11 -10.90
C ASP A 37 -1.59 -12.13 -10.97
N LEU A 38 -1.92 -11.55 -9.81
CA LEU A 38 -3.01 -10.62 -9.70
C LEU A 38 -2.95 -9.45 -10.69
N GLU A 39 -1.75 -9.03 -11.07
CA GLU A 39 -1.65 -7.92 -12.01
C GLU A 39 -1.99 -8.44 -13.40
N ALA A 40 -1.75 -9.73 -13.60
CA ALA A 40 -1.99 -10.39 -14.89
C ALA A 40 -3.40 -10.95 -15.04
N ASP A 41 -4.18 -10.91 -13.98
CA ASP A 41 -5.54 -11.42 -14.06
C ASP A 41 -6.53 -10.32 -14.44
N PRO A 42 -6.99 -10.31 -15.70
CA PRO A 42 -7.94 -9.33 -16.25
C PRO A 42 -9.26 -9.25 -15.50
N GLY A 43 -9.48 -10.17 -14.58
CA GLY A 43 -10.70 -10.16 -13.81
C GLY A 43 -10.53 -9.33 -12.54
N VAL A 44 -9.28 -9.20 -12.10
CA VAL A 44 -8.97 -8.45 -10.90
C VAL A 44 -8.83 -6.96 -11.21
N ARG A 45 -9.65 -6.15 -10.54
CA ARG A 45 -9.64 -4.71 -10.75
C ARG A 45 -9.04 -3.95 -9.56
N ALA A 46 -9.01 -4.60 -8.41
CA ALA A 46 -8.48 -4.00 -7.20
C ALA A 46 -7.94 -5.10 -6.32
N VAL A 47 -7.06 -4.76 -5.40
CA VAL A 47 -6.47 -5.75 -4.50
C VAL A 47 -6.46 -5.27 -3.05
N VAL A 48 -7.18 -5.97 -2.18
CA VAL A 48 -7.17 -5.60 -0.78
C VAL A 48 -6.04 -6.42 -0.21
N LEU A 49 -5.40 -5.90 0.82
CA LEU A 49 -4.28 -6.59 1.43
C LEU A 49 -4.47 -6.54 2.93
N THR A 50 -4.42 -7.70 3.56
CA THR A 50 -4.59 -7.77 5.01
C THR A 50 -3.77 -8.89 5.63
N GLY A 51 -3.87 -9.04 6.95
CA GLY A 51 -3.11 -10.08 7.63
C GLY A 51 -3.94 -11.13 8.35
N ARG A 52 -3.42 -12.35 8.41
CA ARG A 52 -4.09 -13.46 9.10
C ARG A 52 -3.61 -13.47 10.55
N GLY A 53 -4.53 -13.25 11.48
CA GLY A 53 -4.14 -13.25 12.88
C GLY A 53 -4.58 -12.02 13.64
N LYS A 54 -3.94 -11.79 14.79
CA LYS A 54 -4.28 -10.66 15.62
C LYS A 54 -3.70 -9.37 15.06
N ALA A 55 -2.79 -9.49 14.10
CA ALA A 55 -2.16 -8.31 13.53
C ALA A 55 -2.18 -8.25 12.01
N PHE A 56 -1.68 -7.14 11.49
CA PHE A 56 -1.57 -6.92 10.06
C PHE A 56 -0.15 -7.35 9.71
N SER A 57 0.81 -6.77 10.41
CA SER A 57 2.22 -7.09 10.22
C SER A 57 3.03 -6.37 11.28
N ALA A 58 3.50 -7.13 12.27
CA ALA A 58 4.26 -6.58 13.37
C ALA A 58 4.82 -7.70 14.22
N GLY A 59 6.02 -8.17 13.90
CA GLY A 59 6.61 -9.25 14.68
C GLY A 59 8.10 -9.42 14.46
N ALA A 60 8.90 -8.92 15.41
CA ALA A 60 10.34 -9.03 15.31
C ALA A 60 10.77 -10.39 14.79
N ASP A 61 11.45 -10.41 13.65
CA ASP A 61 11.94 -11.65 13.09
C ASP A 61 13.26 -11.96 13.77
N LEU A 62 13.18 -12.63 14.92
CA LEU A 62 14.37 -12.97 15.68
C LEU A 62 15.39 -13.71 14.82
N ALA A 63 14.88 -14.46 13.86
CA ALA A 63 15.74 -15.21 12.96
C ALA A 63 16.61 -14.21 12.21
N PHE A 64 16.04 -13.03 11.98
CA PHE A 64 16.69 -11.95 11.26
C PHE A 64 17.61 -11.12 12.16
N LEU A 65 17.10 -10.67 13.30
CA LEU A 65 17.91 -9.87 14.20
C LEU A 65 19.20 -10.57 14.58
N GLU A 66 19.15 -11.88 14.69
CA GLU A 66 20.34 -12.65 15.05
C GLU A 66 21.42 -12.59 13.97
N ARG A 67 21.02 -12.74 12.71
CA ARG A 67 21.96 -12.74 11.60
C ARG A 67 22.45 -11.34 11.25
N VAL A 68 21.52 -10.53 10.75
CA VAL A 68 21.79 -9.16 10.32
C VAL A 68 23.10 -8.52 10.77
N THR A 69 23.31 -8.39 12.07
CA THR A 69 24.53 -7.76 12.58
C THR A 69 25.84 -8.44 12.19
N GLU A 70 25.76 -9.56 11.47
CA GLU A 70 26.96 -10.27 11.07
C GLU A 70 27.13 -10.41 9.56
N LEU A 71 26.10 -10.04 8.80
CA LEU A 71 26.16 -10.13 7.34
C LEU A 71 27.19 -9.16 6.80
N GLY A 72 27.63 -9.40 5.57
CA GLY A 72 28.61 -8.53 4.95
C GLY A 72 27.99 -7.36 4.23
N ALA A 73 28.74 -6.26 4.15
CA ALA A 73 28.25 -5.05 3.48
C ALA A 73 27.52 -5.39 2.19
N GLU A 74 28.17 -6.18 1.34
CA GLU A 74 27.60 -6.56 0.06
C GLU A 74 26.30 -7.35 0.18
N GLU A 75 26.18 -8.12 1.26
CA GLU A 75 24.97 -8.90 1.47
C GLU A 75 23.87 -7.98 1.98
N ASN A 76 24.24 -7.05 2.86
CA ASN A 76 23.26 -6.12 3.41
C ASN A 76 22.64 -5.28 2.30
N TYR A 77 23.47 -4.75 1.42
CA TYR A 77 22.97 -3.94 0.33
C TYR A 77 22.06 -4.77 -0.55
N ARG A 78 22.51 -5.98 -0.86
CA ARG A 78 21.76 -6.89 -1.71
C ARG A 78 20.37 -7.12 -1.13
N HIS A 79 20.29 -7.19 0.19
CA HIS A 79 19.02 -7.42 0.86
C HIS A 79 18.12 -6.20 0.89
N SER A 80 18.70 -5.05 1.26
CA SER A 80 17.93 -3.82 1.32
C SER A 80 17.24 -3.63 -0.02
N LEU A 81 18.00 -3.90 -1.08
CA LEU A 81 17.48 -3.76 -2.43
C LEU A 81 16.28 -4.66 -2.67
N SER A 82 16.28 -5.84 -2.06
CA SER A 82 15.15 -6.75 -2.22
C SER A 82 13.94 -6.19 -1.48
N LEU A 83 14.13 -5.81 -0.22
CA LEU A 83 13.04 -5.26 0.57
C LEU A 83 12.50 -4.00 -0.10
N MSE A 84 13.39 -3.17 -0.62
CA MSE A 84 12.97 -1.94 -1.28
C MSE A 84 12.16 -2.27 -2.54
O MSE A 84 11.24 -1.53 -2.90
CB MSE A 84 14.18 -1.06 -1.62
CG MSE A 84 14.81 -1.35 -2.96
SE MSE A 84 14.50 0.07 -4.25
CE MSE A 84 12.88 -0.58 -5.04
N ARG A 85 12.52 -3.38 -3.20
CA ARG A 85 11.80 -3.82 -4.40
C ARG A 85 10.36 -4.15 -4.04
N LEU A 86 10.12 -4.55 -2.81
CA LEU A 86 8.77 -4.87 -2.38
C LEU A 86 7.96 -3.59 -2.20
N PHE A 87 8.45 -2.72 -1.32
CA PHE A 87 7.79 -1.44 -1.07
C PHE A 87 7.47 -0.77 -2.40
N HIS A 88 8.47 -0.62 -3.24
CA HIS A 88 8.27 0.02 -4.52
C HIS A 88 7.19 -0.67 -5.33
N ARG A 89 7.30 -1.99 -5.45
CA ARG A 89 6.31 -2.74 -6.21
C ARG A 89 4.90 -2.45 -5.74
N VAL A 90 4.72 -2.35 -4.42
CA VAL A 90 3.42 -2.08 -3.85
C VAL A 90 2.98 -0.64 -4.11
N TYR A 91 3.86 0.30 -3.80
CA TYR A 91 3.56 1.72 -4.00
C TYR A 91 3.33 2.02 -5.48
N THR A 92 3.97 1.24 -6.33
CA THR A 92 3.91 1.43 -7.76
C THR A 92 2.86 0.60 -8.47
N TYR A 93 2.27 -0.36 -7.75
CA TYR A 93 1.26 -1.26 -8.33
C TYR A 93 0.32 -0.57 -9.32
N PRO A 94 0.13 -1.17 -10.51
CA PRO A 94 -0.72 -0.67 -11.60
C PRO A 94 -2.19 -0.61 -11.24
N LYS A 95 -2.62 -1.52 -10.36
CA LYS A 95 -4.02 -1.55 -9.94
C LYS A 95 -4.16 -0.92 -8.55
N PRO A 96 -5.37 -0.44 -8.22
CA PRO A 96 -5.59 0.17 -6.91
C PRO A 96 -5.39 -0.85 -5.80
N THR A 97 -4.60 -0.49 -4.79
CA THR A 97 -4.36 -1.38 -3.67
C THR A 97 -4.94 -0.75 -2.41
N VAL A 98 -5.44 -1.60 -1.51
CA VAL A 98 -6.02 -1.11 -0.26
C VAL A 98 -5.56 -2.00 0.88
N ALA A 99 -4.93 -1.38 1.87
CA ALA A 99 -4.46 -2.10 3.04
C ALA A 99 -5.56 -2.15 4.08
N ALA A 100 -5.86 -3.34 4.55
CA ALA A 100 -6.88 -3.51 5.60
C ALA A 100 -6.14 -3.85 6.89
N VAL A 101 -5.84 -2.80 7.66
CA VAL A 101 -5.12 -2.93 8.92
C VAL A 101 -6.01 -3.51 10.01
N ASN A 102 -6.15 -4.83 10.00
CA ASN A 102 -6.97 -5.56 10.97
C ASN A 102 -6.37 -5.41 12.37
N GLY A 103 -5.05 -5.59 12.47
CA GLY A 103 -4.41 -5.46 13.76
C GLY A 103 -3.19 -4.57 13.71
N PRO A 104 -2.27 -4.73 14.67
CA PRO A 104 -1.06 -3.93 14.75
C PRO A 104 -0.17 -4.00 13.51
N ALA A 105 0.45 -2.87 13.19
CA ALA A 105 1.37 -2.78 12.05
C ALA A 105 2.54 -1.97 12.58
N VAL A 106 3.68 -2.63 12.79
CA VAL A 106 4.84 -1.98 13.35
C VAL A 106 6.09 -2.18 12.50
N ALA A 107 6.80 -1.07 12.29
CA ALA A 107 8.02 -1.06 11.48
C ALA A 107 7.68 -1.58 10.09
N GLY A 108 8.48 -2.51 9.58
CA GLY A 108 8.23 -3.06 8.27
C GLY A 108 6.78 -3.06 7.82
N GLY A 109 5.93 -3.76 8.56
CA GLY A 109 4.52 -3.82 8.21
C GLY A 109 3.89 -2.44 8.12
N ALA A 110 4.26 -1.55 9.02
CA ALA A 110 3.71 -0.19 9.03
C ALA A 110 3.99 0.49 7.69
N GLY A 111 5.19 0.27 7.17
CA GLY A 111 5.53 0.84 5.89
C GLY A 111 4.76 0.11 4.80
N LEU A 112 4.69 -1.21 4.91
CA LEU A 112 3.98 -2.01 3.93
C LEU A 112 2.57 -1.49 3.82
N ALA A 113 1.98 -1.16 4.96
CA ALA A 113 0.62 -0.66 4.97
C ALA A 113 0.57 0.71 4.31
N LEU A 114 1.55 1.55 4.64
CA LEU A 114 1.59 2.90 4.09
C LEU A 114 1.80 2.90 2.57
N ALA A 115 2.47 1.87 2.07
CA ALA A 115 2.73 1.78 0.65
C ALA A 115 1.48 1.51 -0.18
N CYS A 116 0.37 1.22 0.47
CA CYS A 116 -0.86 0.96 -0.27
C CYS A 116 -1.54 2.27 -0.65
N ASP A 117 -2.34 2.22 -1.72
CA ASP A 117 -3.06 3.40 -2.21
C ASP A 117 -3.92 4.02 -1.12
N LEU A 118 -4.73 3.19 -0.47
CA LEU A 118 -5.61 3.64 0.58
C LEU A 118 -5.48 2.69 1.76
N VAL A 119 -5.85 3.16 2.94
CA VAL A 119 -5.74 2.35 4.15
C VAL A 119 -6.98 2.41 5.01
N VAL A 120 -7.46 1.24 5.41
CA VAL A 120 -8.61 1.17 6.30
C VAL A 120 -8.06 0.46 7.53
N MSE A 121 -8.11 1.16 8.66
CA MSE A 121 -7.58 0.61 9.91
C MSE A 121 -8.65 0.24 10.94
O MSE A 121 -9.67 0.92 11.09
CB MSE A 121 -6.59 1.63 10.50
CG MSE A 121 -5.95 1.20 11.79
SE MSE A 121 -4.65 2.50 12.42
CE MSE A 121 -3.10 1.36 12.41
N ASP A 122 -8.39 -0.86 11.64
CA ASP A 122 -9.28 -1.35 12.69
C ASP A 122 -9.30 -0.32 13.81
N GLU A 123 -10.50 0.04 14.25
CA GLU A 123 -10.67 1.03 15.31
C GLU A 123 -9.84 0.73 16.54
N GLU A 124 -9.32 -0.49 16.63
CA GLU A 124 -8.52 -0.89 17.78
C GLU A 124 -7.07 -1.21 17.44
N ALA A 125 -6.71 -1.02 16.17
CA ALA A 125 -5.36 -1.31 15.74
C ALA A 125 -4.39 -0.21 16.09
N ARG A 126 -3.10 -0.53 15.98
CA ARG A 126 -2.03 0.42 16.25
C ARG A 126 -1.06 0.41 15.07
N LEU A 127 -0.32 1.51 14.92
CA LEU A 127 0.64 1.66 13.83
C LEU A 127 1.83 2.45 14.34
N GLY A 128 3.02 2.07 13.92
CA GLY A 128 4.21 2.79 14.37
C GLY A 128 5.51 2.33 13.74
N TYR A 129 6.42 3.27 13.59
CA TYR A 129 7.72 3.00 13.02
C TYR A 129 8.73 3.06 14.14
N THR A 130 9.07 1.89 14.67
CA THR A 130 9.98 1.76 15.81
C THR A 130 11.48 1.59 15.55
N GLU A 131 11.89 1.58 14.28
CA GLU A 131 13.29 1.39 13.95
C GLU A 131 14.30 2.07 14.88
N VAL A 132 14.16 3.38 15.09
CA VAL A 132 15.11 4.08 15.95
C VAL A 132 15.24 3.55 17.38
N LYS A 133 14.13 3.07 17.93
CA LYS A 133 14.14 2.53 19.30
C LYS A 133 15.21 1.46 19.48
N ILE A 134 15.51 0.72 18.42
CA ILE A 134 16.50 -0.35 18.53
C ILE A 134 17.76 -0.13 17.72
N GLY A 135 17.79 0.91 16.89
CA GLY A 135 18.99 1.17 16.09
C GLY A 135 18.77 1.09 14.59
N PHE A 136 17.52 0.86 14.19
CA PHE A 136 17.17 0.77 12.78
C PHE A 136 16.73 2.13 12.26
N VAL A 137 16.58 2.22 10.94
CA VAL A 137 16.13 3.46 10.32
C VAL A 137 14.97 3.13 9.39
N ALA A 138 13.85 3.81 9.56
CA ALA A 138 12.71 3.56 8.69
C ALA A 138 12.97 4.25 7.34
N ALA A 139 14.18 4.11 6.83
CA ALA A 139 14.58 4.72 5.57
C ALA A 139 13.61 4.48 4.41
N LEU A 140 13.36 3.22 4.09
CA LEU A 140 12.45 2.89 3.00
C LEU A 140 11.06 3.51 3.16
N VAL A 141 10.64 3.70 4.39
CA VAL A 141 9.34 4.28 4.64
C VAL A 141 9.34 5.78 4.42
N SER A 142 10.42 6.41 4.87
CA SER A 142 10.58 7.85 4.76
C SER A 142 10.17 8.36 3.38
N VAL A 143 10.57 7.60 2.37
CA VAL A 143 10.29 7.93 0.97
C VAL A 143 8.81 8.22 0.77
N ILE A 144 7.96 7.33 1.25
CA ILE A 144 6.53 7.50 1.10
C ILE A 144 5.95 8.49 2.09
N LEU A 145 6.41 8.39 3.34
CA LEU A 145 5.91 9.23 4.42
C LEU A 145 5.97 10.75 4.18
N VAL A 146 7.07 11.25 3.62
CA VAL A 146 7.15 12.69 3.38
C VAL A 146 6.02 13.14 2.47
N ARG A 147 5.49 12.21 1.68
CA ARG A 147 4.38 12.53 0.78
C ARG A 147 3.02 12.32 1.45
N ALA A 148 3.01 11.55 2.54
CA ALA A 148 1.76 11.26 3.22
C ALA A 148 1.39 12.22 4.34
N VAL A 149 2.39 12.73 5.04
CA VAL A 149 2.12 13.62 6.17
C VAL A 149 3.04 14.83 6.20
N GLY A 150 2.69 15.83 7.01
CA GLY A 150 3.51 17.01 7.13
C GLY A 150 4.84 16.66 7.76
N GLU A 151 5.86 17.48 7.48
CA GLU A 151 7.20 17.26 8.00
C GLU A 151 7.23 17.06 9.51
N LYS A 152 6.58 17.95 10.25
CA LYS A 152 6.54 17.84 11.71
C LYS A 152 5.92 16.53 12.18
N ALA A 153 4.99 15.99 11.40
CA ALA A 153 4.35 14.73 11.77
C ALA A 153 5.32 13.60 11.46
N ALA A 154 6.12 13.78 10.42
CA ALA A 154 7.08 12.77 10.05
C ALA A 154 8.11 12.61 11.16
N LYS A 155 8.70 13.74 11.57
CA LYS A 155 9.70 13.76 12.63
C LYS A 155 9.17 13.09 13.89
N ASP A 156 7.98 13.49 14.31
CA ASP A 156 7.36 12.94 15.50
C ASP A 156 7.42 11.41 15.43
N LEU A 157 6.68 10.86 14.48
CA LEU A 157 6.63 9.42 14.29
C LEU A 157 7.98 8.70 14.16
N LEU A 158 8.92 9.27 13.43
CA LEU A 158 10.19 8.60 13.26
C LEU A 158 11.20 8.80 14.36
N LEU A 159 11.12 9.92 15.08
CA LEU A 159 12.08 10.20 16.16
C LEU A 159 11.68 9.57 17.50
N THR A 160 10.38 9.51 17.78
CA THR A 160 9.92 8.91 19.03
C THR A 160 9.74 7.42 18.86
N GLY A 161 9.31 7.03 17.67
CA GLY A 161 9.08 5.63 17.39
C GLY A 161 7.81 5.14 18.04
N ARG A 162 6.98 6.07 18.51
CA ARG A 162 5.73 5.69 19.18
C ARG A 162 4.72 5.04 18.25
N LEU A 163 3.71 4.42 18.84
CA LEU A 163 2.67 3.77 18.05
C LEU A 163 1.44 4.65 18.17
N VAL A 164 0.88 5.04 17.02
CA VAL A 164 -0.30 5.88 17.06
C VAL A 164 -1.53 4.99 17.00
N GLU A 165 -2.68 5.57 17.33
CA GLU A 165 -3.93 4.83 17.31
C GLU A 165 -4.86 5.37 16.22
N ALA A 166 -5.78 4.52 15.77
CA ALA A 166 -6.72 4.86 14.71
C ALA A 166 -7.18 6.32 14.66
N ARG A 167 -7.51 6.88 15.81
CA ARG A 167 -7.98 8.26 15.84
C ARG A 167 -6.91 9.23 15.32
N GLU A 168 -5.68 9.10 15.81
CA GLU A 168 -4.60 9.98 15.40
C GLU A 168 -4.12 9.66 13.98
N ALA A 169 -4.01 8.37 13.68
CA ALA A 169 -3.55 7.94 12.37
C ALA A 169 -4.33 8.58 11.21
N LYS A 170 -5.64 8.72 11.35
CA LYS A 170 -6.43 9.32 10.30
C LYS A 170 -6.19 10.82 10.29
N ALA A 171 -6.27 11.42 11.48
CA ALA A 171 -6.06 12.85 11.64
C ALA A 171 -4.79 13.32 10.96
N LEU A 172 -3.74 12.51 11.04
CA LEU A 172 -2.46 12.85 10.43
C LEU A 172 -2.38 12.55 8.94
N GLY A 173 -3.23 11.66 8.46
CA GLY A 173 -3.20 11.34 7.04
C GLY A 173 -2.48 10.05 6.75
N LEU A 174 -2.40 9.18 7.75
CA LEU A 174 -1.75 7.89 7.58
C LEU A 174 -2.78 6.89 7.08
N VAL A 175 -4.04 7.08 7.45
CA VAL A 175 -5.10 6.17 7.01
C VAL A 175 -6.31 6.96 6.51
N ASN A 176 -7.04 6.39 5.56
CA ASN A 176 -8.20 7.09 5.01
C ASN A 176 -9.45 6.89 5.83
N ARG A 177 -9.73 5.65 6.24
CA ARG A 177 -10.92 5.34 7.03
C ARG A 177 -10.69 4.45 8.23
N ILE A 178 -11.60 4.53 9.19
CA ILE A 178 -11.52 3.72 10.40
C ILE A 178 -12.78 2.86 10.50
N ALA A 179 -12.59 1.54 10.49
CA ALA A 179 -13.72 0.62 10.59
C ALA A 179 -13.95 0.25 12.04
N PRO A 180 -15.21 0.09 12.43
CA PRO A 180 -15.52 -0.26 13.82
C PRO A 180 -14.82 -1.59 14.14
N PRO A 181 -14.37 -1.76 15.40
CA PRO A 181 -13.69 -3.01 15.76
C PRO A 181 -14.41 -4.23 15.23
N GLY A 182 -13.77 -4.93 14.31
CA GLY A 182 -14.40 -6.11 13.75
C GLY A 182 -14.09 -6.44 12.31
N LYS A 183 -14.42 -5.53 11.39
CA LYS A 183 -14.16 -5.82 9.99
C LYS A 183 -13.49 -4.69 9.20
N ALA A 184 -12.19 -4.51 9.44
CA ALA A 184 -11.47 -3.48 8.72
C ALA A 184 -11.47 -4.00 7.29
N LEU A 185 -11.36 -5.31 7.14
CA LEU A 185 -11.35 -5.93 5.83
C LEU A 185 -12.65 -5.66 5.06
N GLU A 186 -13.76 -6.05 5.65
CA GLU A 186 -15.05 -5.85 5.04
C GLU A 186 -15.16 -4.43 4.50
N GLU A 187 -14.81 -3.46 5.32
CA GLU A 187 -14.88 -2.06 4.94
C GLU A 187 -13.88 -1.72 3.83
N ALA A 188 -12.70 -2.33 3.89
CA ALA A 188 -11.67 -2.11 2.88
C ALA A 188 -12.14 -2.69 1.55
N LYS A 189 -12.71 -3.89 1.60
CA LYS A 189 -13.24 -4.54 0.40
C LYS A 189 -14.31 -3.64 -0.19
N ALA A 190 -15.03 -2.97 0.70
CA ALA A 190 -16.09 -2.07 0.29
C ALA A 190 -15.45 -0.93 -0.49
N LEU A 191 -14.55 -0.22 0.17
CA LEU A 191 -13.83 0.90 -0.43
C LEU A 191 -13.31 0.53 -1.82
N ALA A 192 -12.61 -0.61 -1.87
CA ALA A 192 -12.04 -1.10 -3.10
C ALA A 192 -13.08 -1.18 -4.20
N GLU A 193 -14.10 -2.01 -4.00
CA GLU A 193 -15.18 -2.19 -4.97
C GLU A 193 -15.60 -0.85 -5.56
N GLU A 194 -15.84 0.13 -4.70
CA GLU A 194 -16.24 1.46 -5.17
C GLU A 194 -15.25 1.99 -6.20
N VAL A 195 -13.98 2.03 -5.81
CA VAL A 195 -12.90 2.49 -6.68
C VAL A 195 -12.87 1.66 -7.95
N ALA A 196 -13.20 0.39 -7.82
CA ALA A 196 -13.21 -0.53 -8.94
C ALA A 196 -14.32 -0.24 -9.94
N LYS A 197 -15.38 0.42 -9.50
CA LYS A 197 -16.47 0.75 -10.43
C LYS A 197 -15.95 1.72 -11.49
N ASN A 198 -15.01 2.58 -11.11
CA ASN A 198 -14.44 3.59 -12.00
C ASN A 198 -13.53 3.01 -13.09
N ALA A 199 -13.27 3.83 -14.11
CA ALA A 199 -12.45 3.48 -15.28
C ALA A 199 -11.03 2.97 -15.03
N PRO A 200 -10.75 1.73 -15.45
CA PRO A 200 -9.43 1.08 -15.29
C PRO A 200 -8.30 1.95 -15.85
N THR A 201 -8.57 2.59 -16.98
CA THR A 201 -7.58 3.46 -17.61
C THR A 201 -7.35 4.68 -16.74
N SER A 202 -8.42 5.40 -16.45
CA SER A 202 -8.33 6.60 -15.64
C SER A 202 -7.64 6.38 -14.29
N LEU A 203 -7.85 5.20 -13.70
CA LEU A 203 -7.26 4.89 -12.41
C LEU A 203 -5.74 4.75 -12.48
N ARG A 204 -5.28 3.87 -13.35
CA ARG A 204 -3.85 3.65 -13.53
C ARG A 204 -3.14 4.98 -13.73
N LEU A 205 -3.55 5.70 -14.76
CA LEU A 205 -2.94 6.98 -15.09
C LEU A 205 -2.93 7.97 -13.93
N THR A 206 -4.07 8.07 -13.23
CA THR A 206 -4.17 8.97 -12.08
C THR A 206 -3.04 8.59 -11.12
N LYS A 207 -2.83 7.28 -10.98
CA LYS A 207 -1.80 6.78 -10.11
C LYS A 207 -0.42 7.14 -10.68
N GLU A 208 -0.26 6.89 -11.98
CA GLU A 208 1.00 7.19 -12.65
C GLU A 208 1.37 8.65 -12.37
N LEU A 209 0.40 9.54 -12.57
CA LEU A 209 0.61 10.96 -12.34
C LEU A 209 1.02 11.29 -10.91
N LEU A 210 0.28 10.76 -9.94
CA LEU A 210 0.59 11.05 -8.53
C LEU A 210 1.97 10.58 -8.13
N LEU A 211 2.56 9.71 -8.93
CA LEU A 211 3.88 9.21 -8.63
C LEU A 211 4.91 10.25 -8.97
N ALA A 212 4.92 10.63 -10.24
CA ALA A 212 5.86 11.57 -10.82
C ALA A 212 5.80 13.03 -10.41
N LEU A 213 4.60 13.58 -10.26
CA LEU A 213 4.47 14.99 -9.94
C LEU A 213 5.33 15.55 -8.80
N PRO A 214 5.20 15.00 -7.58
CA PRO A 214 5.98 15.47 -6.44
C PRO A 214 7.45 15.75 -6.80
N GLY A 215 7.97 14.99 -7.74
CA GLY A 215 9.35 15.15 -8.15
C GLY A 215 9.58 16.08 -9.33
N MSE A 216 8.86 17.21 -9.40
CA MSE A 216 9.06 18.16 -10.50
C MSE A 216 8.45 19.55 -10.36
O MSE A 216 7.54 19.79 -9.57
CB MSE A 216 8.62 17.53 -11.83
CG MSE A 216 7.19 17.06 -11.90
SE MSE A 216 6.83 16.23 -13.63
CE MSE A 216 7.11 14.40 -13.12
N GLY A 217 8.97 20.48 -11.16
CA GLY A 217 8.48 21.84 -11.11
C GLY A 217 7.06 21.99 -11.63
N LEU A 218 6.40 23.04 -11.17
CA LEU A 218 5.03 23.33 -11.54
C LEU A 218 4.82 23.18 -13.05
N GLU A 219 5.56 23.97 -13.84
CA GLU A 219 5.43 23.91 -15.30
C GLU A 219 5.65 22.52 -15.90
N ASP A 220 6.71 21.83 -15.51
CA ASP A 220 6.91 20.48 -16.06
C ASP A 220 5.70 19.61 -15.68
N GLY A 221 5.25 19.71 -14.44
CA GLY A 221 4.09 18.94 -14.04
C GLY A 221 2.91 19.24 -14.97
N PHE A 222 2.71 20.50 -15.30
CA PHE A 222 1.62 20.88 -16.20
C PHE A 222 1.89 20.33 -17.60
N ARG A 223 3.16 20.22 -17.97
CA ARG A 223 3.49 19.70 -19.28
C ARG A 223 3.06 18.26 -19.30
N LEU A 224 3.32 17.58 -18.18
CA LEU A 224 2.95 16.17 -18.06
C LEU A 224 1.43 16.01 -18.08
N ALA A 225 0.75 16.72 -17.19
CA ALA A 225 -0.72 16.67 -17.10
C ALA A 225 -1.38 16.91 -18.46
N ALA A 226 -1.05 18.02 -19.09
CA ALA A 226 -1.61 18.36 -20.39
C ALA A 226 -1.56 17.17 -21.32
N LEU A 227 -0.36 16.63 -21.47
CA LEU A 227 -0.14 15.49 -22.33
C LEU A 227 -1.06 14.34 -21.97
N ALA A 228 -1.21 14.08 -20.67
CA ALA A 228 -2.05 12.99 -20.22
C ALA A 228 -3.51 13.31 -20.53
N ASN A 229 -3.93 14.49 -20.09
CA ASN A 229 -5.29 14.95 -20.31
C ASN A 229 -5.63 14.68 -21.77
N ALA A 230 -4.61 14.84 -22.62
CA ALA A 230 -4.77 14.63 -24.05
C ALA A 230 -4.93 13.16 -24.36
N TRP A 231 -3.89 12.38 -24.12
CA TRP A 231 -3.91 10.96 -24.38
C TRP A 231 -5.23 10.27 -23.95
N VAL A 232 -5.61 10.48 -22.70
CA VAL A 232 -6.81 9.90 -22.12
C VAL A 232 -8.06 10.10 -23.01
N ARG A 233 -8.06 11.16 -23.80
CA ARG A 233 -9.19 11.46 -24.67
C ARG A 233 -9.32 10.59 -25.92
N GLU A 234 -8.54 9.52 -25.99
CA GLU A 234 -8.63 8.64 -27.16
C GLU A 234 -8.67 7.20 -26.69
N THR A 235 -9.06 7.02 -25.44
CA THR A 235 -9.13 5.69 -24.83
C THR A 235 -10.54 5.12 -24.88
N GLY A 236 -10.61 3.79 -25.01
CA GLY A 236 -11.90 3.13 -25.05
C GLY A 236 -12.78 3.43 -23.85
N ASP A 237 -12.22 3.31 -22.65
CA ASP A 237 -12.99 3.57 -21.43
C ASP A 237 -13.69 4.91 -21.49
N LEU A 238 -13.04 5.92 -22.06
CA LEU A 238 -13.68 7.22 -22.16
C LEU A 238 -14.84 7.10 -23.12
N ALA A 239 -14.61 6.39 -24.23
CA ALA A 239 -15.63 6.16 -25.24
C ALA A 239 -16.77 5.43 -24.54
N GLU A 240 -16.45 4.32 -23.88
CA GLU A 240 -17.43 3.53 -23.16
C GLU A 240 -18.23 4.38 -22.19
N GLY A 241 -17.52 5.09 -21.33
CA GLY A 241 -18.19 5.92 -20.34
C GLY A 241 -19.13 6.95 -20.91
N ILE A 242 -18.63 7.79 -21.81
CA ILE A 242 -19.45 8.82 -22.42
C ILE A 242 -20.70 8.24 -23.09
N ARG A 243 -20.57 7.04 -23.64
CA ARG A 243 -21.73 6.39 -24.25
C ARG A 243 -22.73 6.11 -23.14
N ALA A 244 -22.32 5.24 -22.21
CA ALA A 244 -23.14 4.85 -21.08
C ALA A 244 -23.83 6.04 -20.45
N PHE A 245 -23.23 7.21 -20.56
CA PHE A 245 -23.83 8.41 -20.00
C PHE A 245 -24.96 8.87 -20.89
N PHE A 246 -24.74 8.82 -22.20
CA PHE A 246 -25.76 9.23 -23.16
C PHE A 246 -26.77 8.11 -23.41
N GLU A 247 -26.66 7.05 -22.63
CA GLU A 247 -27.58 5.91 -22.73
C GLU A 247 -28.12 5.64 -21.35
N LYS A 248 -27.96 6.62 -20.46
CA LYS A 248 -28.44 6.51 -19.11
C LYS A 248 -28.32 5.08 -18.62
N ARG A 249 -27.15 4.48 -18.83
CA ARG A 249 -26.89 3.11 -18.41
C ARG A 249 -25.53 3.03 -17.73
N PRO A 250 -25.32 1.98 -16.91
CA PRO A 250 -24.05 1.81 -16.20
C PRO A 250 -22.91 1.46 -17.18
N PRO A 251 -21.74 2.06 -16.98
CA PRO A 251 -20.55 1.85 -17.81
C PRO A 251 -19.99 0.44 -17.66
N ARG A 252 -19.61 -0.18 -18.77
CA ARG A 252 -19.05 -1.53 -18.74
C ARG A 252 -17.62 -1.50 -19.24
N PHE A 253 -16.74 -0.93 -18.42
CA PHE A 253 -15.32 -0.82 -18.75
C PHE A 253 -14.67 -2.19 -18.83
C1 DIO B . -8.25 -14.71 12.12
C2 DIO B . -9.47 -15.43 10.15
C1' DIO B . -7.15 -15.75 11.83
C2' DIO B . -8.38 -16.48 9.83
O1 DIO B . -8.91 -14.31 10.91
O1' DIO B . -7.11 -16.06 10.36
C1 GOL C . -2.62 -5.89 20.55
O1 GOL C . -3.97 -6.12 20.84
C2 GOL C . -1.88 -7.19 20.48
O2 GOL C . -0.50 -7.00 20.90
C3 GOL C . -1.90 -7.78 19.03
O3 GOL C . -3.28 -8.10 18.53
C1 GOL D . 13.10 -1.77 8.98
O1 GOL D . 12.62 -1.31 7.77
C2 GOL D . 13.76 -3.11 8.78
O2 GOL D . 13.61 -3.94 9.99
C3 GOL D . 15.28 -2.93 8.43
O3 GOL D . 15.71 -3.77 7.29
#